data_6LYX
#
_entry.id   6LYX
#
_cell.length_a   100.611
_cell.length_b   102.537
_cell.length_c   92.657
_cell.angle_alpha   90.000
_cell.angle_beta   90.000
_cell.angle_gamma   90.000
#
_symmetry.space_group_name_H-M   'C 2 2 21'
#
loop_
_entity.id
_entity.type
_entity.pdbx_description
1 polymer 'Thioredoxin-like 2-1, chloroplastic'
2 non-polymer 'SULFATE ION'
3 non-polymer GLYCEROL
4 water water
#
_entity_poly.entity_id   1
_entity_poly.type   'polypeptide(L)'
_entity_poly.pdbx_seq_one_letter_code
;MGSSHHHHHHSSGLVPRGSHMVQALAAETEQPKWWERKAGPNMIDITSAEQFLNALKDAGDRLVIVDFYGTWCGSCRAMF
PKLCKTAKEHPNILFLKVNFDENKSLCKSLNVKVLPYFHFYRGADGQVESFSCSLAKFQKLREAIERHNVGSI
;
_entity_poly.pdbx_strand_id   A,B
#
loop_
_chem_comp.id
_chem_comp.type
_chem_comp.name
_chem_comp.formula
GOL non-polymer GLYCEROL 'C3 H8 O3'
SO4 non-polymer 'SULFATE ION' 'O4 S -2'
#
# COMPACT_ATOMS: atom_id res chain seq x y z
N LYS A 33 0.14 18.03 -0.26
CA LYS A 33 0.03 16.58 -0.35
C LYS A 33 1.35 16.00 -0.83
N TRP A 34 1.69 14.80 -0.33
CA TRP A 34 3.01 14.23 -0.61
C TRP A 34 3.27 14.00 -2.08
N TRP A 35 2.22 13.74 -2.85
CA TRP A 35 2.38 13.46 -4.26
C TRP A 35 2.52 14.71 -5.11
N GLU A 36 2.56 15.88 -4.46
CA GLU A 36 2.77 17.13 -5.18
C GLU A 36 4.16 17.69 -4.95
N ARG A 37 4.82 17.19 -3.92
CA ARG A 37 6.12 17.74 -3.50
C ARG A 37 7.26 17.42 -4.48
N LYS A 38 7.85 18.47 -5.03
CA LYS A 38 8.98 18.36 -5.96
C LYS A 38 8.64 17.57 -7.22
N ALA A 39 7.38 17.64 -7.64
CA ALA A 39 6.96 16.97 -8.88
C ALA A 39 7.24 17.86 -10.08
N GLY A 40 7.98 17.34 -11.06
CA GLY A 40 8.33 18.08 -12.27
C GLY A 40 7.18 18.29 -13.26
N PRO A 41 7.44 19.07 -14.34
CA PRO A 41 6.34 19.48 -15.24
C PRO A 41 5.80 18.36 -16.12
N ASN A 42 6.53 17.24 -16.22
CA ASN A 42 6.06 16.08 -16.96
C ASN A 42 5.33 15.09 -16.05
N MET A 43 5.02 15.52 -14.83
CA MET A 43 4.20 14.73 -13.91
C MET A 43 2.88 15.45 -13.70
N ILE A 44 1.79 14.83 -14.18
CA ILE A 44 0.47 15.47 -14.20
C ILE A 44 -0.52 14.70 -13.33
N ASP A 45 -1.33 15.41 -12.54
CA ASP A 45 -2.40 14.76 -11.80
C ASP A 45 -3.61 14.50 -12.70
N ILE A 46 -4.09 13.26 -12.72
CA ILE A 46 -5.29 12.92 -13.48
C ILE A 46 -6.49 12.94 -12.54
N THR A 47 -7.50 13.73 -12.89
CA THR A 47 -8.68 13.84 -12.04
C THR A 47 -9.98 13.49 -12.73
N SER A 48 -9.93 13.16 -14.02
CA SER A 48 -11.14 12.71 -14.73
C SER A 48 -10.82 11.74 -15.85
N ALA A 49 -11.83 10.94 -16.21
CA ALA A 49 -11.71 9.98 -17.30
C ALA A 49 -11.39 10.65 -18.64
N GLU A 50 -12.05 11.77 -18.93
CA GLU A 50 -11.78 12.45 -20.20
C GLU A 50 -10.38 13.04 -20.24
N GLN A 51 -9.93 13.61 -19.12
CA GLN A 51 -8.58 14.16 -19.06
C GLN A 51 -7.54 13.06 -19.29
N PHE A 52 -7.81 11.89 -18.73
CA PHE A 52 -6.91 10.74 -18.91
C PHE A 52 -6.74 10.40 -20.39
N LEU A 53 -7.85 10.25 -21.12
CA LEU A 53 -7.76 9.94 -22.53
C LEU A 53 -7.10 11.04 -23.34
N ASN A 54 -7.42 12.29 -23.02
CA ASN A 54 -6.80 13.42 -23.72
C ASN A 54 -5.29 13.43 -23.54
N ALA A 55 -4.83 13.08 -22.33
CA ALA A 55 -3.40 13.03 -22.08
C ALA A 55 -2.73 11.93 -22.90
N LEU A 56 -3.38 10.76 -22.97
CA LEU A 56 -2.84 9.65 -23.73
C LEU A 56 -2.81 9.98 -25.23
N LYS A 57 -3.86 10.64 -25.71
CA LYS A 57 -3.92 10.99 -27.12
C LYS A 57 -2.91 12.10 -27.46
N ASP A 58 -2.83 13.10 -26.58
CA ASP A 58 -1.95 14.25 -26.83
C ASP A 58 -0.47 13.90 -26.69
N ALA A 59 -0.18 12.74 -26.09
CA ALA A 59 1.20 12.29 -25.93
C ALA A 59 1.83 11.86 -27.25
N GLY A 60 1.00 11.62 -28.26
CA GLY A 60 1.51 11.18 -29.54
C GLY A 60 2.25 9.86 -29.42
N ASP A 61 3.51 9.83 -29.84
CA ASP A 61 4.30 8.60 -29.79
CA ASP A 61 4.29 8.60 -29.80
C ASP A 61 5.23 8.56 -28.58
N ARG A 62 5.05 9.48 -27.65
CA ARG A 62 5.87 9.54 -26.44
CA ARG A 62 5.89 9.52 -26.47
C ARG A 62 5.53 8.37 -25.53
N LEU A 63 6.51 7.92 -24.75
CA LEU A 63 6.22 6.93 -23.71
C LEU A 63 5.42 7.59 -22.59
N VAL A 64 4.34 6.95 -22.17
CA VAL A 64 3.52 7.44 -21.05
C VAL A 64 3.55 6.42 -19.93
N ILE A 65 3.94 6.88 -18.75
CA ILE A 65 3.97 6.04 -17.57
C ILE A 65 2.84 6.48 -16.67
N VAL A 66 1.90 5.58 -16.41
CA VAL A 66 0.77 5.87 -15.55
C VAL A 66 1.03 5.23 -14.18
N ASP A 67 1.10 6.10 -13.18
CA ASP A 67 1.43 5.79 -11.80
C ASP A 67 0.12 5.74 -11.02
N PHE A 68 -0.38 4.53 -10.77
CA PHE A 68 -1.57 4.35 -9.93
C PHE A 68 -1.12 4.27 -8.47
N TYR A 69 -1.56 5.20 -7.65
CA TYR A 69 -1.11 5.24 -6.27
C TYR A 69 -2.29 5.47 -5.34
N GLY A 70 -2.08 5.33 -4.03
CA GLY A 70 -3.12 5.67 -3.08
C GLY A 70 -2.65 6.70 -2.08
N THR A 71 -3.59 7.53 -1.64
CA THR A 71 -3.33 8.56 -0.63
C THR A 71 -2.62 8.01 0.61
N TRP A 72 -3.05 6.83 1.05
CA TRP A 72 -2.52 6.23 2.27
C TRP A 72 -1.64 5.01 1.99
N CYS A 73 -1.10 4.96 0.76
CA CYS A 73 -0.21 3.87 0.36
C CYS A 73 1.23 4.17 0.80
N GLY A 74 1.72 3.43 1.79
CA GLY A 74 3.05 3.67 2.34
C GLY A 74 4.15 3.47 1.32
N SER A 75 4.07 2.42 0.53
CA SER A 75 5.06 2.11 -0.50
CA SER A 75 5.13 2.17 -0.43
C SER A 75 5.08 3.20 -1.57
N CYS A 76 3.88 3.64 -1.93
CA CYS A 76 3.73 4.71 -2.93
C CYS A 76 4.43 5.97 -2.45
N ARG A 77 4.16 6.35 -1.20
CA ARG A 77 4.75 7.53 -0.59
C ARG A 77 6.26 7.40 -0.54
N ALA A 78 6.72 6.21 -0.16
CA ALA A 78 8.17 5.97 -0.02
C ALA A 78 8.92 6.06 -1.34
N MET A 79 8.31 5.59 -2.43
CA MET A 79 9.00 5.57 -3.71
C MET A 79 8.82 6.88 -4.49
N PHE A 80 8.04 7.80 -3.98
CA PHE A 80 7.77 9.03 -4.73
C PHE A 80 9.01 9.86 -5.11
N PRO A 81 9.95 10.08 -4.17
CA PRO A 81 11.16 10.80 -4.57
C PRO A 81 11.92 10.13 -5.72
N LYS A 82 12.01 8.81 -5.70
CA LYS A 82 12.66 8.08 -6.79
C LYS A 82 11.90 8.27 -8.10
N LEU A 83 10.58 8.26 -8.01
CA LEU A 83 9.77 8.49 -9.21
C LEU A 83 9.99 9.89 -9.75
N CYS A 84 10.05 10.89 -8.86
CA CYS A 84 10.29 12.27 -9.28
C CYS A 84 11.66 12.44 -9.91
N LYS A 85 12.65 11.74 -9.37
CA LYS A 85 13.99 11.79 -9.94
CA LYS A 85 13.99 11.80 -9.94
C LYS A 85 13.99 11.17 -11.32
N THR A 86 13.28 10.06 -11.48
CA THR A 86 13.19 9.40 -12.76
C THR A 86 12.54 10.32 -13.80
N ALA A 87 11.52 11.05 -13.38
CA ALA A 87 10.84 11.99 -14.28
C ALA A 87 11.75 13.13 -14.68
N LYS A 88 12.52 13.65 -13.74
CA LYS A 88 13.48 14.71 -14.06
C LYS A 88 14.54 14.23 -15.04
N GLU A 89 14.95 12.98 -14.89
CA GLU A 89 15.97 12.39 -15.76
C GLU A 89 15.45 12.05 -17.16
N HIS A 90 14.13 12.06 -17.32
CA HIS A 90 13.51 11.74 -18.59
C HIS A 90 12.42 12.75 -18.92
N PRO A 91 12.83 13.98 -19.28
CA PRO A 91 11.88 15.07 -19.46
C PRO A 91 10.85 14.81 -20.56
N ASN A 92 11.15 13.92 -21.50
CA ASN A 92 10.23 13.64 -22.60
C ASN A 92 9.30 12.47 -22.36
N ILE A 93 9.43 11.82 -21.21
CA ILE A 93 8.45 10.81 -20.83
C ILE A 93 7.34 11.50 -20.06
N LEU A 94 6.09 11.13 -20.34
CA LEU A 94 4.96 11.73 -19.65
C LEU A 94 4.55 10.83 -18.50
N PHE A 95 4.45 11.39 -17.30
CA PHE A 95 4.05 10.65 -16.10
C PHE A 95 2.68 11.12 -15.68
N LEU A 96 1.71 10.21 -15.68
CA LEU A 96 0.35 10.53 -15.25
C LEU A 96 0.12 9.92 -13.87
N LYS A 97 -0.11 10.77 -12.88
CA LYS A 97 -0.38 10.31 -11.52
C LYS A 97 -1.88 10.10 -11.36
N VAL A 98 -2.30 8.88 -11.00
CA VAL A 98 -3.72 8.60 -10.82
C VAL A 98 -3.96 8.14 -9.39
N ASN A 99 -4.59 9.00 -8.59
CA ASN A 99 -4.92 8.66 -7.21
C ASN A 99 -6.12 7.71 -7.18
N PHE A 100 -5.89 6.48 -6.78
CA PHE A 100 -6.93 5.43 -6.78
C PHE A 100 -8.13 5.86 -5.94
N ASP A 101 -7.84 6.42 -4.78
CA ASP A 101 -8.89 6.78 -3.84
C ASP A 101 -9.80 7.88 -4.38
N GLU A 102 -9.29 8.69 -5.29
CA GLU A 102 -10.06 9.80 -5.86
C GLU A 102 -10.53 9.51 -7.29
N ASN A 103 -10.17 8.35 -7.81
CA ASN A 103 -10.56 7.92 -9.17
C ASN A 103 -10.87 6.44 -9.17
N LYS A 104 -11.70 6.01 -8.22
CA LYS A 104 -11.88 4.58 -8.00
C LYS A 104 -12.50 3.87 -9.20
N SER A 105 -13.56 4.44 -9.77
CA SER A 105 -14.21 3.82 -10.91
CA SER A 105 -14.22 3.85 -10.92
C SER A 105 -13.26 3.72 -12.10
N LEU A 106 -12.47 4.77 -12.33
CA LEU A 106 -11.50 4.75 -13.42
C LEU A 106 -10.51 3.62 -13.21
N CYS A 107 -9.94 3.51 -12.02
CA CYS A 107 -8.95 2.47 -11.76
C CYS A 107 -9.53 1.06 -11.85
N LYS A 108 -10.73 0.87 -11.33
CA LYS A 108 -11.40 -0.43 -11.45
C LYS A 108 -11.63 -0.76 -12.92
N SER A 109 -12.01 0.22 -13.73
CA SER A 109 -12.26 -0.06 -15.15
C SER A 109 -11.00 -0.52 -15.86
N LEU A 110 -9.85 -0.05 -15.35
CA LEU A 110 -8.56 -0.37 -15.95
C LEU A 110 -7.91 -1.62 -15.36
N ASN A 111 -8.66 -2.37 -14.56
CA ASN A 111 -8.14 -3.60 -13.94
C ASN A 111 -6.94 -3.36 -13.02
N VAL A 112 -7.01 -2.26 -12.26
CA VAL A 112 -5.97 -1.97 -11.28
C VAL A 112 -6.50 -2.45 -9.93
N LYS A 113 -5.81 -3.44 -9.34
CA LYS A 113 -6.31 -4.15 -8.15
C LYS A 113 -5.41 -3.90 -6.92
N VAL A 114 -4.17 -3.52 -7.16
CA VAL A 114 -3.23 -3.26 -6.08
C VAL A 114 -2.42 -2.00 -6.37
N LEU A 115 -1.93 -1.37 -5.30
CA LEU A 115 -1.15 -0.14 -5.39
C LEU A 115 0.15 -0.30 -4.62
N PRO A 116 1.26 0.21 -5.15
CA PRO A 116 1.38 0.95 -6.42
C PRO A 116 1.23 0.02 -7.62
N TYR A 117 0.81 0.60 -8.74
CA TYR A 117 0.74 -0.16 -9.98
C TYR A 117 1.09 0.78 -11.12
N PHE A 118 1.61 0.19 -12.21
CA PHE A 118 1.98 0.97 -13.39
C PHE A 118 1.41 0.38 -14.68
N HIS A 119 0.87 1.25 -15.55
CA HIS A 119 0.67 0.89 -16.94
C HIS A 119 1.58 1.80 -17.77
N PHE A 120 2.27 1.24 -18.76
CA PHE A 120 2.98 2.08 -19.73
C PHE A 120 2.17 2.04 -21.03
N TYR A 121 2.09 3.17 -21.74
CA TYR A 121 1.45 3.22 -23.04
C TYR A 121 2.37 3.90 -24.03
N ARG A 122 2.33 3.50 -25.29
CA ARG A 122 3.13 4.23 -26.28
C ARG A 122 2.50 4.21 -27.66
N GLY A 123 1.95 5.35 -28.05
CA GLY A 123 1.44 5.56 -29.39
C GLY A 123 0.49 4.49 -29.91
N ALA A 124 0.77 4.03 -31.13
CA ALA A 124 -0.07 3.05 -31.80
C ALA A 124 -0.12 1.71 -31.08
N ASP A 125 0.95 1.40 -30.34
CA ASP A 125 1.06 0.13 -29.63
C ASP A 125 0.12 0.04 -28.43
N GLY A 126 -0.45 1.16 -27.99
CA GLY A 126 -1.32 1.14 -26.83
C GLY A 126 -0.55 0.73 -25.59
N GLN A 127 -1.14 -0.14 -24.78
CA GLN A 127 -0.50 -0.55 -23.54
C GLN A 127 0.67 -1.50 -23.80
N VAL A 128 1.83 -1.17 -23.24
CA VAL A 128 3.03 -1.96 -23.47
C VAL A 128 3.67 -2.52 -22.20
N GLU A 129 3.26 -2.04 -21.02
CA GLU A 129 3.65 -2.65 -19.75
C GLU A 129 2.51 -2.56 -18.75
N SER A 130 2.49 -3.50 -17.81
CA SER A 130 1.50 -3.50 -16.73
C SER A 130 2.09 -4.30 -15.59
N PHE A 131 2.47 -3.61 -14.50
CA PHE A 131 3.18 -4.29 -13.42
C PHE A 131 3.16 -3.51 -12.11
N SER A 132 3.49 -4.21 -11.02
CA SER A 132 3.69 -3.55 -9.74
C SER A 132 5.18 -3.53 -9.47
N CYS A 133 5.64 -2.72 -8.52
CA CYS A 133 7.00 -2.94 -8.00
C CYS A 133 7.17 -2.45 -6.56
N SER A 134 8.07 -3.10 -5.83
CA SER A 134 8.42 -2.71 -4.46
C SER A 134 9.29 -1.47 -4.47
N LEU A 135 9.43 -0.85 -3.29
CA LEU A 135 10.37 0.24 -3.13
C LEU A 135 11.76 -0.26 -3.50
N ALA A 136 12.13 -1.40 -2.94
CA ALA A 136 13.47 -1.94 -3.15
C ALA A 136 13.64 -2.51 -4.55
N LYS A 137 12.52 -2.77 -5.24
CA LYS A 137 12.56 -3.32 -6.58
C LYS A 137 12.28 -2.26 -7.64
N PHE A 138 12.63 -1.01 -7.33
CA PHE A 138 12.37 0.11 -8.24
C PHE A 138 13.09 -0.07 -9.57
N GLN A 139 14.15 -0.88 -9.58
CA GLN A 139 14.89 -1.13 -10.81
C GLN A 139 14.02 -1.76 -11.90
N LYS A 140 12.96 -2.47 -11.50
CA LYS A 140 12.00 -3.03 -12.45
C LYS A 140 11.35 -1.93 -13.28
N LEU A 141 11.12 -0.78 -12.68
CA LEU A 141 10.56 0.35 -13.42
C LEU A 141 11.60 0.89 -14.39
N ARG A 142 12.85 1.00 -13.93
CA ARG A 142 13.91 1.45 -14.83
C ARG A 142 14.11 0.49 -16.01
N GLU A 143 14.01 -0.81 -15.75
CA GLU A 143 14.14 -1.80 -16.81
C GLU A 143 12.99 -1.67 -17.81
N ALA A 144 11.79 -1.41 -17.30
CA ALA A 144 10.64 -1.22 -18.16
C ALA A 144 10.85 0.00 -19.06
N ILE A 145 11.37 1.08 -18.50
CA ILE A 145 11.67 2.27 -19.31
C ILE A 145 12.67 1.96 -20.42
N GLU A 146 13.69 1.18 -20.08
CA GLU A 146 14.74 0.86 -21.05
C GLU A 146 14.23 -0.02 -22.19
N ARG A 147 13.18 -0.79 -21.94
CA ARG A 147 12.55 -1.59 -22.99
C ARG A 147 11.83 -0.72 -24.02
N HIS A 148 11.59 0.55 -23.68
CA HIS A 148 10.80 1.46 -24.51
C HIS A 148 11.40 2.87 -24.61
N ASN A 149 12.52 3.10 -23.92
CA ASN A 149 13.16 4.42 -23.84
C ASN A 149 12.26 5.61 -23.49
N PRO B 32 -11.99 -16.64 -1.56
CA PRO B 32 -12.27 -15.55 -0.61
C PRO B 32 -11.34 -14.36 -0.82
N LYS B 33 -11.65 -13.26 -0.15
CA LYS B 33 -10.80 -12.05 -0.17
C LYS B 33 -9.40 -12.40 0.30
N TRP B 34 -8.39 -11.68 -0.20
CA TRP B 34 -7.01 -12.05 0.08
C TRP B 34 -6.66 -12.06 1.56
N TRP B 35 -7.35 -11.21 2.33
CA TRP B 35 -7.06 -11.08 3.77
C TRP B 35 -7.78 -12.14 4.59
N GLU B 36 -8.45 -13.07 3.93
CA GLU B 36 -9.09 -14.18 4.62
C GLU B 36 -8.39 -15.50 4.32
N ARG B 37 -7.53 -15.51 3.32
CA ARG B 37 -6.88 -16.75 2.88
C ARG B 37 -5.86 -17.25 3.89
N LYS B 38 -6.09 -18.47 4.39
CA LYS B 38 -5.23 -19.15 5.36
C LYS B 38 -5.26 -18.52 6.75
N ALA B 39 -6.06 -17.47 6.92
CA ALA B 39 -6.10 -16.77 8.20
C ALA B 39 -6.58 -17.66 9.34
N GLY B 40 -5.72 -17.87 10.33
CA GLY B 40 -5.99 -18.75 11.44
C GLY B 40 -6.94 -18.21 12.49
N PRO B 41 -7.23 -19.01 13.52
CA PRO B 41 -8.23 -18.74 14.57
C PRO B 41 -7.93 -17.49 15.39
N ASN B 42 -6.65 -17.16 15.57
CA ASN B 42 -6.26 -15.98 16.33
C ASN B 42 -6.16 -14.72 15.48
N MET B 43 -6.71 -14.78 14.27
CA MET B 43 -6.78 -13.62 13.39
C MET B 43 -8.25 -13.24 13.18
N ILE B 44 -8.61 -12.05 13.62
CA ILE B 44 -10.00 -11.60 13.66
C ILE B 44 -10.22 -10.33 12.86
N ASP B 45 -11.28 -10.29 12.05
CA ASP B 45 -11.65 -9.06 11.34
C ASP B 45 -12.36 -8.08 12.26
N ILE B 46 -11.89 -6.85 12.27
CA ILE B 46 -12.53 -5.78 13.03
C ILE B 46 -13.33 -4.86 12.11
N THR B 47 -14.60 -4.63 12.43
CA THR B 47 -15.47 -3.84 11.56
C THR B 47 -16.13 -2.62 12.22
N SER B 48 -15.81 -2.37 13.49
CA SER B 48 -16.30 -1.16 14.17
C SER B 48 -15.39 -0.79 15.32
N ALA B 49 -15.47 0.47 15.74
CA ALA B 49 -14.72 0.95 16.90
C ALA B 49 -15.12 0.19 18.17
N GLU B 50 -16.42 -0.09 18.31
CA GLU B 50 -16.88 -0.85 19.48
C GLU B 50 -16.28 -2.26 19.50
N GLN B 51 -16.18 -2.90 18.34
CA GLN B 51 -15.62 -4.24 18.30
C GLN B 51 -14.12 -4.18 18.62
N PHE B 52 -13.46 -3.16 18.09
CA PHE B 52 -12.03 -2.95 18.34
C PHE B 52 -11.75 -2.82 19.84
N LEU B 53 -12.51 -1.96 20.52
CA LEU B 53 -12.32 -1.73 21.95
C LEU B 53 -12.66 -2.96 22.80
N ASN B 54 -13.69 -3.68 22.39
CA ASN B 54 -14.06 -4.92 23.06
C ASN B 54 -12.97 -5.97 22.90
N ALA B 55 -12.33 -5.99 21.73
CA ALA B 55 -11.27 -6.96 21.46
C ALA B 55 -10.04 -6.71 22.34
N LEU B 56 -9.65 -5.45 22.48
CA LEU B 56 -8.52 -5.12 23.36
C LEU B 56 -8.83 -5.47 24.81
N LYS B 57 -10.06 -5.20 25.22
CA LYS B 57 -10.45 -5.51 26.59
C LYS B 57 -10.44 -7.03 26.85
N ASP B 58 -11.00 -7.79 25.92
CA ASP B 58 -11.16 -9.23 26.11
C ASP B 58 -9.85 -9.99 25.94
N ALA B 59 -8.84 -9.31 25.42
CA ALA B 59 -7.52 -9.88 25.22
C ALA B 59 -6.81 -10.15 26.54
N GLY B 60 -7.25 -9.50 27.62
CA GLY B 60 -6.57 -9.65 28.90
C GLY B 60 -5.11 -9.24 28.81
N ASP B 61 -4.21 -10.13 29.20
CA ASP B 61 -2.77 -9.82 29.17
C ASP B 61 -2.06 -10.36 27.92
N ARG B 62 -2.82 -10.83 26.92
CA ARG B 62 -2.21 -11.32 25.69
C ARG B 62 -1.56 -10.17 24.93
N LEU B 63 -0.51 -10.47 24.19
CA LEU B 63 0.01 -9.50 23.23
C LEU B 63 -0.99 -9.42 22.07
N VAL B 64 -1.32 -8.20 21.66
CA VAL B 64 -2.25 -7.98 20.55
C VAL B 64 -1.52 -7.24 19.45
N ILE B 65 -1.60 -7.79 18.24
CA ILE B 65 -1.00 -7.17 17.07
C ILE B 65 -2.14 -6.72 16.18
N VAL B 66 -2.18 -5.41 15.91
CA VAL B 66 -3.22 -4.83 15.07
C VAL B 66 -2.63 -4.52 13.69
N ASP B 67 -3.22 -5.15 12.68
CA ASP B 67 -2.77 -5.06 11.30
C ASP B 67 -3.70 -4.11 10.54
N PHE B 68 -3.25 -2.88 10.30
CA PHE B 68 -4.00 -1.91 9.51
C PHE B 68 -3.61 -2.12 8.05
N TYR B 69 -4.59 -2.47 7.23
CA TYR B 69 -4.30 -2.77 5.83
C TYR B 69 -5.32 -2.11 4.94
N GLY B 70 -5.07 -2.15 3.62
CA GLY B 70 -6.03 -1.63 2.67
C GLY B 70 -6.39 -2.71 1.67
N THR B 71 -7.61 -2.63 1.18
CA THR B 71 -8.12 -3.58 0.20
C THR B 71 -7.21 -3.68 -1.01
N TRP B 72 -6.67 -2.53 -1.42
CA TRP B 72 -5.87 -2.44 -2.63
C TRP B 72 -4.41 -2.13 -2.31
N CYS B 73 -4.00 -2.44 -1.09
CA CYS B 73 -2.63 -2.20 -0.64
C CYS B 73 -1.74 -3.34 -1.09
N GLY B 74 -0.88 -3.11 -2.09
CA GLY B 74 -0.04 -4.16 -2.63
C GLY B 74 0.93 -4.77 -1.62
N SER B 75 1.53 -3.91 -0.82
CA SER B 75 2.50 -4.32 0.19
C SER B 75 1.79 -5.15 1.25
N CYS B 76 0.59 -4.73 1.62
CA CYS B 76 -0.20 -5.47 2.61
C CYS B 76 -0.49 -6.86 2.09
N ARG B 77 -0.90 -6.93 0.83
CA ARG B 77 -1.24 -8.20 0.22
C ARG B 77 -0.01 -9.11 0.15
N ALA B 78 1.13 -8.53 -0.19
CA ALA B 78 2.37 -9.30 -0.35
C ALA B 78 2.84 -9.88 0.98
N MET B 79 2.65 -9.14 2.08
CA MET B 79 3.15 -9.59 3.38
C MET B 79 2.15 -10.47 4.13
N PHE B 80 0.93 -10.59 3.60
CA PHE B 80 -0.10 -11.35 4.33
C PHE B 80 0.23 -12.82 4.60
N PRO B 81 0.77 -13.54 3.60
CA PRO B 81 1.11 -14.94 3.93
C PRO B 81 2.13 -15.06 5.06
N LYS B 82 3.13 -14.18 5.12
CA LYS B 82 4.07 -14.21 6.24
C LYS B 82 3.41 -13.86 7.56
N LEU B 83 2.49 -12.90 7.53
CA LEU B 83 1.77 -12.53 8.75
C LEU B 83 0.95 -13.71 9.26
N CYS B 84 0.32 -14.42 8.34
CA CYS B 84 -0.49 -15.58 8.72
CA CYS B 84 -0.47 -15.58 8.68
C CYS B 84 0.38 -16.69 9.31
N LYS B 85 1.55 -16.91 8.76
CA LYS B 85 2.48 -17.91 9.31
C LYS B 85 2.95 -17.52 10.70
N THR B 86 3.23 -16.23 10.88
CA THR B 86 3.61 -15.72 12.19
C THR B 86 2.48 -15.92 13.21
N ALA B 87 1.23 -15.78 12.76
CA ALA B 87 0.10 -16.02 13.65
C ALA B 87 0.00 -17.50 14.04
N LYS B 88 0.32 -18.39 13.10
CA LYS B 88 0.34 -19.83 13.42
C LYS B 88 1.49 -20.17 14.35
N GLU B 89 2.59 -19.42 14.19
CA GLU B 89 3.78 -19.62 15.00
C GLU B 89 3.56 -19.10 16.43
N HIS B 90 2.56 -18.23 16.59
CA HIS B 90 2.26 -17.61 17.88
C HIS B 90 0.77 -17.70 18.20
N PRO B 91 0.29 -18.90 18.54
CA PRO B 91 -1.16 -19.12 18.73
C PRO B 91 -1.76 -18.27 19.84
N ASN B 92 -0.95 -17.82 20.81
CA ASN B 92 -1.47 -17.05 21.93
C ASN B 92 -1.45 -15.53 21.71
N ILE B 93 -0.86 -15.09 20.61
CA ILE B 93 -0.96 -13.67 20.23
C ILE B 93 -2.26 -13.46 19.47
N LEU B 94 -2.96 -12.37 19.78
CA LEU B 94 -4.21 -12.04 19.09
C LEU B 94 -3.89 -11.08 17.95
N PHE B 95 -4.31 -11.42 16.73
CA PHE B 95 -4.11 -10.56 15.58
C PHE B 95 -5.43 -9.92 15.15
N LEU B 96 -5.49 -8.60 15.19
CA LEU B 96 -6.68 -7.89 14.74
C LEU B 96 -6.45 -7.28 13.36
N LYS B 97 -7.29 -7.68 12.39
CA LYS B 97 -7.20 -7.14 11.05
C LYS B 97 -8.18 -5.98 10.90
N VAL B 98 -7.65 -4.80 10.55
CA VAL B 98 -8.48 -3.62 10.41
C VAL B 98 -8.35 -3.06 9.01
N ASN B 99 -9.39 -3.21 8.20
CA ASN B 99 -9.36 -2.68 6.84
C ASN B 99 -9.58 -1.16 6.86
N PHE B 100 -8.54 -0.41 6.52
CA PHE B 100 -8.58 1.06 6.54
C PHE B 100 -9.72 1.58 5.69
N ASP B 101 -9.86 1.03 4.48
CA ASP B 101 -10.86 1.53 3.55
C ASP B 101 -12.28 1.38 4.05
N GLU B 102 -12.50 0.41 4.95
CA GLU B 102 -13.83 0.14 5.48
C GLU B 102 -13.98 0.58 6.94
N ASN B 103 -12.94 1.21 7.47
CA ASN B 103 -12.94 1.70 8.85
C ASN B 103 -12.16 3.01 8.91
N LYS B 104 -12.45 3.93 7.98
CA LYS B 104 -11.68 5.17 7.87
C LYS B 104 -11.67 6.00 9.15
N SER B 105 -12.83 6.20 9.75
CA SER B 105 -12.94 7.05 10.94
C SER B 105 -12.19 6.45 12.13
N LEU B 106 -12.35 5.15 12.32
CA LEU B 106 -11.62 4.43 13.36
C LEU B 106 -10.11 4.57 13.15
N CYS B 107 -9.64 4.36 11.93
CA CYS B 107 -8.21 4.45 11.67
C CYS B 107 -7.66 5.87 11.86
N LYS B 108 -8.47 6.86 11.48
CA LYS B 108 -8.10 8.25 11.69
C LYS B 108 -7.96 8.56 13.17
N SER B 109 -8.90 8.05 13.98
CA SER B 109 -8.84 8.27 15.42
C SER B 109 -7.64 7.56 16.04
N LEU B 110 -7.13 6.53 15.37
CA LEU B 110 -5.94 5.81 15.84
C LEU B 110 -4.66 6.37 15.23
N ASN B 111 -4.77 7.48 14.53
CA ASN B 111 -3.63 8.18 13.93
C ASN B 111 -2.89 7.36 12.86
N VAL B 112 -3.61 6.50 12.16
CA VAL B 112 -3.01 5.72 11.07
C VAL B 112 -3.05 6.52 9.77
N LYS B 113 -1.88 6.74 9.17
CA LYS B 113 -1.73 7.61 8.01
C LYS B 113 -1.20 6.91 6.76
N VAL B 114 -0.58 5.75 6.95
CA VAL B 114 -0.04 4.98 5.84
C VAL B 114 -0.30 3.50 6.09
N LEU B 115 -0.32 2.73 5.01
CA LEU B 115 -0.56 1.29 5.06
C LEU B 115 0.54 0.60 4.30
N PRO B 116 1.03 -0.55 4.80
CA PRO B 116 0.62 -1.22 6.05
C PRO B 116 1.07 -0.46 7.27
N TYR B 117 0.38 -0.71 8.38
CA TYR B 117 0.77 -0.11 9.64
C TYR B 117 0.37 -1.06 10.75
N PHE B 118 1.10 -1.01 11.86
CA PHE B 118 0.84 -1.91 12.98
C PHE B 118 0.82 -1.15 14.30
N HIS B 119 -0.11 -1.50 15.18
CA HIS B 119 -0.01 -1.18 16.60
C HIS B 119 0.15 -2.49 17.36
N PHE B 120 0.92 -2.49 18.44
CA PHE B 120 0.88 -3.60 19.39
C PHE B 120 0.26 -3.06 20.69
N TYR B 121 -0.55 -3.87 21.35
CA TYR B 121 -1.08 -3.58 22.69
C TYR B 121 -0.76 -4.76 23.62
N ARG B 122 -0.53 -4.48 24.90
CA ARG B 122 -0.27 -5.57 25.83
C ARG B 122 -0.77 -5.23 27.22
N GLY B 123 -1.92 -5.76 27.59
CA GLY B 123 -2.42 -5.66 28.96
C GLY B 123 -2.48 -4.25 29.51
N ALA B 124 -1.98 -4.08 30.73
CA ALA B 124 -2.04 -2.78 31.39
C ALA B 124 -1.10 -1.74 30.79
N ASP B 125 -0.23 -2.15 29.87
CA ASP B 125 0.66 -1.23 29.19
C ASP B 125 -0.01 -0.50 28.02
N GLY B 126 -1.18 -0.98 27.59
CA GLY B 126 -1.88 -0.39 26.48
C GLY B 126 -1.01 -0.48 25.23
N GLN B 127 -1.02 0.56 24.39
CA GLN B 127 -0.22 0.54 23.17
C GLN B 127 1.29 0.53 23.48
N VAL B 128 2.00 -0.42 22.90
CA VAL B 128 3.43 -0.55 23.15
C VAL B 128 4.28 -0.47 21.89
N GLU B 129 3.65 -0.58 20.72
CA GLU B 129 4.37 -0.38 19.44
C GLU B 129 3.48 0.33 18.43
N SER B 130 4.12 1.07 17.53
CA SER B 130 3.41 1.76 16.47
C SER B 130 4.40 1.95 15.33
N PHE B 131 4.21 1.24 14.22
CA PHE B 131 5.22 1.26 13.17
C PHE B 131 4.72 0.74 11.85
N SER B 132 5.40 1.15 10.78
CA SER B 132 5.08 0.65 9.46
C SER B 132 5.99 -0.51 9.15
N CYS B 133 5.57 -1.30 8.17
CA CYS B 133 6.25 -2.54 7.90
C CYS B 133 6.06 -2.89 6.43
N SER B 134 6.63 -4.02 6.03
CA SER B 134 6.47 -4.53 4.68
C SER B 134 7.06 -5.92 4.69
N LEU B 135 6.90 -6.64 3.58
CA LEU B 135 7.48 -7.97 3.47
C LEU B 135 9.01 -7.90 3.61
N ALA B 136 9.64 -6.97 2.90
CA ALA B 136 11.09 -6.89 2.91
C ALA B 136 11.67 -6.64 4.30
N LYS B 137 10.94 -5.86 5.10
CA LYS B 137 11.38 -5.53 6.45
C LYS B 137 10.54 -6.23 7.52
N PHE B 138 10.03 -7.42 7.18
CA PHE B 138 9.16 -8.15 8.10
C PHE B 138 9.83 -8.44 9.44
N GLN B 139 11.16 -8.55 9.46
CA GLN B 139 11.84 -8.82 10.72
C GLN B 139 11.56 -7.76 11.78
N LYS B 140 11.22 -6.54 11.34
CA LYS B 140 10.85 -5.48 12.28
C LYS B 140 9.65 -5.90 13.14
N LEU B 141 8.71 -6.60 12.53
CA LEU B 141 7.55 -7.07 13.28
C LEU B 141 7.95 -8.14 14.29
N ARG B 142 8.82 -9.06 13.87
CA ARG B 142 9.33 -10.07 14.81
C ARG B 142 10.11 -9.44 15.96
N GLU B 143 10.87 -8.38 15.68
CA GLU B 143 11.63 -7.68 16.71
C GLU B 143 10.69 -7.06 17.73
N ALA B 144 9.55 -6.55 17.26
CA ALA B 144 8.54 -6.01 18.18
C ALA B 144 7.95 -7.11 19.05
N ILE B 145 7.77 -8.31 18.49
CA ILE B 145 7.32 -9.44 19.30
C ILE B 145 8.37 -9.78 20.38
N GLU B 146 9.64 -9.80 19.99
CA GLU B 146 10.72 -10.05 20.97
C GLU B 146 10.62 -9.10 22.16
N ARG B 147 10.24 -7.85 21.88
CA ARG B 147 10.17 -6.83 22.92
C ARG B 147 8.98 -6.95 23.89
N HIS B 148 7.87 -7.54 23.46
CA HIS B 148 6.64 -7.50 24.26
C HIS B 148 5.88 -8.81 24.41
N ASN B 149 6.45 -9.92 23.96
CA ASN B 149 5.73 -11.17 24.07
C ASN B 149 5.61 -11.59 25.53
N VAL B 150 4.61 -12.41 25.83
CA VAL B 150 4.45 -12.94 27.18
C VAL B 150 5.73 -13.67 27.58
N GLY B 151 6.37 -13.22 28.65
CA GLY B 151 7.63 -13.80 29.10
C GLY B 151 8.87 -13.05 28.65
N SER B 152 8.69 -11.99 27.87
CA SER B 152 9.83 -11.23 27.33
C SER B 152 10.63 -10.49 28.41
N ILE B 153 9.97 -10.16 29.52
CA ILE B 153 10.63 -9.45 30.62
C ILE B 153 11.61 -10.36 31.35
S SO4 C . 13.98 11.21 -22.53
O1 SO4 C . 13.61 11.27 -23.94
O2 SO4 C . 14.22 9.82 -22.16
O3 SO4 C . 12.94 11.78 -21.71
O4 SO4 C . 15.21 11.97 -22.34
C1 GOL D . -5.22 1.07 -0.30
O1 GOL D . -6.37 0.25 -0.20
C2 GOL D . -5.52 2.54 -0.61
O2 GOL D . -6.77 2.94 -0.09
C3 GOL D . -4.39 3.37 0.00
O3 GOL D . -4.57 4.75 -0.23
#